data_1AMY
#
_entry.id   1AMY
#
_cell.length_a   135.200
_cell.length_b   135.200
_cell.length_c   79.600
_cell.angle_alpha   90.00
_cell.angle_beta   90.00
_cell.angle_gamma   120.00
#
_symmetry.space_group_name_H-M   'P 31 2 1'
#
loop_
_entity.id
_entity.type
_entity.pdbx_description
1 polymer '1,4-ALPHA-D-GLUCAN GLUCANOHYDROLASE'
2 non-polymer 'CALCIUM ION'
3 water water
#
_entity_poly.entity_id   1
_entity_poly.type   'polypeptide(L)'
_entity_poly.pdbx_seq_one_letter_code
;QVLFQGFNWESWKHNGGWYNFLMGKVDDIAAAGITHVWLPPASQSVAEQGYMPGRLYDLDASKYGNKAQLKSLIGALHGK
GVKAIADIVINHRTAEHKDGRGIYCIFEGGTPDARLDWGPHMICRDDRPYADGTGNPDTGADFGAAPDIDHLNLRVQKEL
VEWLNWLKADIGFDGWRFDFAKGYSADVAKIYIDRSEPSFAVAEIWTSLAYGGDGKPNLNQDQHRQELVNWVDKVGGKGP
ATTFDFTTKGILNVAVEGELWRLRGTDGKAPGMIGWWPAKAVTFVDNHDTGSTQHMWPFPSDRVMQGYAYILTHPGTPCI
FYDHFFDWGLKEEIDRLVSVRTRHGIHNESKLQIIEADADLYLAEIDGKVIVKLGPRYDVGNLIPGGFKVAAHGNDYAVW
EKI
;
_entity_poly.pdbx_strand_id   A
#
loop_
_chem_comp.id
_chem_comp.type
_chem_comp.name
_chem_comp.formula
CA non-polymer 'CALCIUM ION' 'Ca 2'
#
# COMPACT_ATOMS: atom_id res chain seq x y z
N GLN A 1 -4.06 -13.67 -1.53
CA GLN A 1 -3.18 -12.68 -2.09
C GLN A 1 -2.82 -12.08 -0.75
N VAL A 2 -1.68 -12.34 -0.15
CA VAL A 2 -1.37 -11.55 1.01
C VAL A 2 -0.09 -10.87 0.53
N LEU A 3 -0.08 -9.52 0.54
CA LEU A 3 1.07 -8.74 0.12
C LEU A 3 2.03 -8.46 1.29
N PHE A 4 3.28 -8.14 0.99
CA PHE A 4 4.29 -7.80 1.97
C PHE A 4 4.91 -6.50 1.47
N GLN A 5 5.39 -5.61 2.36
CA GLN A 5 6.09 -4.36 2.07
C GLN A 5 7.54 -4.68 2.40
N GLY A 6 8.36 -4.86 1.35
CA GLY A 6 9.71 -5.30 1.57
C GLY A 6 10.65 -4.19 1.95
N PHE A 7 10.24 -3.12 2.62
CA PHE A 7 11.13 -1.99 2.95
C PHE A 7 10.48 -1.15 4.03
N ASN A 8 11.22 -0.23 4.63
CA ASN A 8 10.68 0.72 5.57
C ASN A 8 11.44 2.01 5.37
N TRP A 9 11.27 3.03 6.17
CA TRP A 9 11.88 4.30 5.90
C TRP A 9 13.41 4.25 5.96
N GLU A 10 13.98 3.31 6.66
CA GLU A 10 15.42 3.33 6.89
C GLU A 10 16.18 2.41 5.97
N SER A 11 15.42 1.68 5.16
CA SER A 11 16.02 0.63 4.36
C SER A 11 17.13 1.01 3.43
N TRP A 12 17.09 2.23 2.94
CA TRP A 12 18.10 2.65 2.00
C TRP A 12 19.49 2.74 2.62
N LYS A 13 19.49 2.87 3.94
CA LYS A 13 20.67 3.06 4.76
C LYS A 13 21.52 1.84 4.94
N HIS A 14 20.87 0.71 4.74
CA HIS A 14 21.41 -0.60 5.07
C HIS A 14 22.85 -0.88 4.68
N ASN A 15 23.66 -1.38 5.61
CA ASN A 15 24.98 -1.77 5.15
C ASN A 15 24.92 -2.88 4.10
N GLY A 16 25.53 -2.65 2.93
CA GLY A 16 25.59 -3.67 1.93
C GLY A 16 24.41 -3.75 0.98
N GLY A 17 23.38 -2.90 1.14
CA GLY A 17 22.27 -2.83 0.20
C GLY A 17 21.05 -3.60 0.60
N TRP A 18 19.95 -2.91 0.44
CA TRP A 18 18.68 -3.47 0.78
C TRP A 18 18.31 -4.61 -0.11
N TYR A 19 18.53 -4.54 -1.42
CA TYR A 19 18.11 -5.62 -2.30
C TYR A 19 18.84 -6.88 -1.91
N ASN A 20 20.14 -6.76 -1.70
CA ASN A 20 21.03 -7.86 -1.31
C ASN A 20 20.62 -8.47 0.00
N PHE A 21 20.28 -7.56 0.88
CA PHE A 21 19.87 -7.96 2.20
C PHE A 21 18.61 -8.74 2.03
N LEU A 22 17.74 -8.22 1.19
CA LEU A 22 16.46 -8.83 1.07
C LEU A 22 16.55 -10.20 0.38
N MET A 23 17.59 -10.48 -0.40
CA MET A 23 17.82 -11.81 -0.97
C MET A 23 17.76 -12.86 0.14
N GLY A 24 18.39 -12.57 1.26
CA GLY A 24 18.37 -13.47 2.37
C GLY A 24 17.01 -13.73 2.99
N LYS A 25 15.98 -12.87 2.83
CA LYS A 25 14.68 -13.11 3.44
C LYS A 25 13.68 -13.69 2.44
N VAL A 26 14.07 -14.01 1.21
CA VAL A 26 13.13 -14.54 0.21
C VAL A 26 12.44 -15.84 0.54
N ASP A 27 13.15 -16.75 1.20
CA ASP A 27 12.62 -18.08 1.50
C ASP A 27 11.54 -17.96 2.54
N ASP A 28 11.84 -17.10 3.50
CA ASP A 28 10.95 -16.84 4.61
C ASP A 28 9.72 -16.13 4.15
N ILE A 29 9.90 -15.14 3.29
CA ILE A 29 8.75 -14.43 2.75
C ILE A 29 7.88 -15.44 2.01
N ALA A 30 8.50 -16.27 1.15
CA ALA A 30 7.78 -17.28 0.40
C ALA A 30 7.08 -18.28 1.29
N ALA A 31 7.74 -18.84 2.30
CA ALA A 31 7.13 -19.75 3.27
C ALA A 31 5.88 -19.21 3.96
N ALA A 32 5.83 -17.91 4.25
CA ALA A 32 4.75 -17.33 5.02
C ALA A 32 3.45 -17.28 4.30
N GLY A 33 3.48 -17.58 3.00
CA GLY A 33 2.26 -17.63 2.22
C GLY A 33 1.96 -16.30 1.57
N ILE A 34 3.03 -15.51 1.48
CA ILE A 34 2.98 -14.19 0.90
C ILE A 34 3.01 -14.32 -0.61
N THR A 35 1.99 -13.78 -1.23
CA THR A 35 1.89 -13.75 -2.67
C THR A 35 2.54 -12.55 -3.36
N HIS A 36 2.78 -11.34 -2.78
CA HIS A 36 3.33 -10.22 -3.55
C HIS A 36 4.21 -9.39 -2.67
N VAL A 37 5.35 -8.85 -3.15
CA VAL A 37 6.05 -7.98 -2.25
C VAL A 37 6.26 -6.69 -3.02
N TRP A 38 6.04 -5.60 -2.26
CA TRP A 38 6.08 -4.20 -2.70
C TRP A 38 7.48 -3.74 -2.39
N LEU A 39 8.19 -3.40 -3.47
CA LEU A 39 9.57 -2.95 -3.42
C LEU A 39 9.67 -1.42 -3.45
N PRO A 40 10.69 -0.75 -2.92
CA PRO A 40 10.69 0.69 -2.79
C PRO A 40 10.90 1.31 -4.15
N PRO A 41 10.93 2.62 -4.37
CA PRO A 41 11.34 3.23 -5.63
C PRO A 41 12.77 2.97 -6.06
N ALA A 42 12.71 2.31 -7.21
CA ALA A 42 13.91 1.82 -7.87
C ALA A 42 14.79 2.84 -8.53
N SER A 43 14.35 3.94 -9.13
CA SER A 43 15.30 4.80 -9.81
C SER A 43 15.94 5.90 -9.01
N GLN A 44 16.75 6.68 -9.72
CA GLN A 44 17.52 7.73 -9.14
C GLN A 44 16.59 8.76 -8.60
N SER A 45 16.92 9.19 -7.43
CA SER A 45 16.10 10.17 -6.76
C SER A 45 17.00 10.95 -5.84
N VAL A 46 16.67 12.21 -5.79
CA VAL A 46 17.27 13.21 -4.93
C VAL A 46 17.11 12.80 -3.47
N ALA A 47 15.93 12.38 -3.03
CA ALA A 47 15.72 11.96 -1.68
C ALA A 47 16.06 10.49 -1.71
N GLU A 48 17.03 10.12 -0.89
CA GLU A 48 17.52 8.77 -0.76
C GLU A 48 16.53 7.61 -0.72
N GLN A 49 15.35 7.78 -0.12
CA GLN A 49 14.36 6.70 -0.10
C GLN A 49 13.66 6.54 -1.46
N GLY A 50 13.79 7.53 -2.34
CA GLY A 50 13.39 7.32 -3.69
C GLY A 50 12.15 8.04 -4.10
N TYR A 51 11.42 8.75 -3.25
CA TYR A 51 10.17 9.34 -3.71
C TYR A 51 10.30 10.72 -4.34
N MET A 52 11.48 10.97 -4.90
CA MET A 52 11.74 12.26 -5.50
C MET A 52 12.52 12.04 -6.80
N PRO A 53 12.03 11.23 -7.73
CA PRO A 53 12.77 10.62 -8.84
C PRO A 53 13.22 11.58 -9.92
N GLY A 54 14.38 11.33 -10.53
CA GLY A 54 14.85 12.15 -11.63
C GLY A 54 15.04 11.28 -12.87
N ARG A 55 16.15 10.56 -12.94
CA ARG A 55 16.42 9.80 -14.12
C ARG A 55 15.73 8.48 -13.94
N LEU A 56 14.43 8.44 -14.20
CA LEU A 56 13.58 7.25 -14.15
C LEU A 56 14.15 5.96 -14.65
N TYR A 57 14.92 5.97 -15.73
CA TYR A 57 15.55 4.75 -16.26
C TYR A 57 16.87 4.42 -15.57
N ASP A 58 17.43 5.23 -14.66
CA ASP A 58 18.70 4.93 -14.00
C ASP A 58 18.43 4.23 -12.69
N LEU A 59 18.31 2.90 -12.74
CA LEU A 59 18.13 2.14 -11.53
C LEU A 59 19.45 2.06 -10.81
N ASP A 60 20.57 2.35 -11.46
CA ASP A 60 21.83 2.08 -10.79
C ASP A 60 22.25 3.10 -9.78
N ALA A 61 21.58 4.24 -9.81
CA ALA A 61 21.87 5.25 -8.83
C ALA A 61 20.96 5.02 -7.63
N SER A 62 20.13 4.00 -7.54
CA SER A 62 19.33 3.80 -6.36
C SER A 62 20.19 3.52 -5.14
N LYS A 63 19.82 4.02 -3.97
CA LYS A 63 20.55 3.73 -2.77
C LYS A 63 20.24 2.30 -2.33
N TYR A 64 19.18 1.64 -2.84
CA TYR A 64 18.79 0.28 -2.43
C TYR A 64 19.67 -0.74 -3.09
N GLY A 65 20.32 -0.29 -4.13
CA GLY A 65 21.22 -1.14 -4.88
C GLY A 65 20.99 -0.86 -6.35
N ASN A 66 21.55 -1.69 -7.21
CA ASN A 66 21.43 -1.35 -8.61
C ASN A 66 20.56 -2.28 -9.46
N LYS A 67 20.53 -2.08 -10.78
CA LYS A 67 19.69 -2.85 -11.68
C LYS A 67 19.98 -4.33 -11.58
N ALA A 68 21.28 -4.64 -11.60
CA ALA A 68 21.69 -6.04 -11.47
C ALA A 68 21.07 -6.71 -10.27
N GLN A 69 21.21 -6.04 -9.14
CA GLN A 69 20.76 -6.54 -7.86
C GLN A 69 19.24 -6.70 -7.77
N LEU A 70 18.53 -5.81 -8.49
CA LEU A 70 17.11 -5.77 -8.47
C LEU A 70 16.71 -6.96 -9.26
N LYS A 71 17.24 -7.20 -10.48
CA LYS A 71 16.82 -8.37 -11.26
C LYS A 71 17.19 -9.66 -10.55
N SER A 72 18.32 -9.73 -9.82
CA SER A 72 18.63 -10.88 -8.96
C SER A 72 17.51 -11.04 -7.92
N LEU A 73 17.17 -10.05 -7.08
CA LEU A 73 16.07 -10.14 -6.13
C LEU A 73 14.75 -10.55 -6.76
N ILE A 74 14.35 -9.90 -7.86
CA ILE A 74 13.05 -10.17 -8.46
C ILE A 74 13.10 -11.58 -9.01
N GLY A 75 14.25 -12.08 -9.49
CA GLY A 75 14.43 -13.45 -9.96
C GLY A 75 14.17 -14.46 -8.85
N ALA A 76 14.70 -14.12 -7.67
CA ALA A 76 14.55 -14.93 -6.48
C ALA A 76 13.09 -15.07 -6.05
N LEU A 77 12.43 -13.91 -6.02
CA LEU A 77 11.05 -13.88 -5.65
C LEU A 77 10.27 -14.72 -6.66
N HIS A 78 10.56 -14.51 -7.92
CA HIS A 78 9.85 -15.23 -8.95
C HIS A 78 10.17 -16.70 -8.89
N GLY A 79 11.39 -17.01 -8.50
CA GLY A 79 11.82 -18.39 -8.39
C GLY A 79 11.04 -19.11 -7.31
N LYS A 80 10.54 -18.39 -6.32
CA LYS A 80 9.81 -19.07 -5.28
C LYS A 80 8.40 -18.58 -5.32
N GLY A 81 7.82 -18.39 -6.51
CA GLY A 81 6.40 -18.10 -6.64
C GLY A 81 5.93 -16.71 -6.27
N VAL A 82 6.77 -15.76 -5.81
CA VAL A 82 6.13 -14.53 -5.45
C VAL A 82 6.39 -13.44 -6.49
N LYS A 83 5.35 -12.59 -6.64
CA LYS A 83 5.35 -11.46 -7.55
C LYS A 83 5.90 -10.20 -6.92
N ALA A 84 6.58 -9.39 -7.71
CA ALA A 84 7.26 -8.20 -7.21
C ALA A 84 6.38 -7.09 -7.68
N ILE A 85 6.16 -6.05 -6.88
CA ILE A 85 5.40 -4.94 -7.40
C ILE A 85 6.19 -3.68 -7.03
N ALA A 86 6.09 -2.67 -7.89
CA ALA A 86 6.91 -1.48 -7.86
C ALA A 86 6.20 -0.24 -7.42
N ASP A 87 6.96 0.62 -6.78
CA ASP A 87 6.46 1.86 -6.27
C ASP A 87 6.66 2.87 -7.36
N ILE A 88 5.59 3.20 -8.07
CA ILE A 88 5.64 4.10 -9.20
C ILE A 88 5.39 5.50 -8.70
N VAL A 89 6.36 6.38 -8.85
CA VAL A 89 6.23 7.69 -8.34
C VAL A 89 6.21 8.56 -9.57
N ILE A 90 5.03 8.88 -10.07
CA ILE A 90 4.95 9.69 -11.29
C ILE A 90 4.08 10.93 -11.17
N ASN A 91 3.62 11.35 -10.00
CA ASN A 91 2.94 12.63 -9.93
C ASN A 91 3.88 13.83 -10.15
N HIS A 92 5.13 13.67 -9.69
CA HIS A 92 6.12 14.72 -9.71
C HIS A 92 7.47 14.13 -10.14
N ARG A 93 8.46 14.91 -10.57
CA ARG A 93 9.74 14.40 -11.00
C ARG A 93 10.73 15.49 -10.69
N THR A 94 12.00 15.26 -10.43
CA THR A 94 12.89 16.36 -10.17
C THR A 94 13.69 16.49 -11.44
N ALA A 95 14.17 17.69 -11.79
CA ALA A 95 14.89 17.92 -13.04
C ALA A 95 16.38 17.91 -12.87
N GLU A 96 17.04 17.57 -13.94
CA GLU A 96 18.47 17.38 -13.96
C GLU A 96 19.21 18.65 -14.24
N HIS A 97 18.60 19.53 -15.03
CA HIS A 97 19.27 20.68 -15.59
C HIS A 97 18.41 21.89 -15.54
N LYS A 98 19.09 23.01 -15.46
CA LYS A 98 18.47 24.32 -15.45
C LYS A 98 18.21 24.69 -16.88
N ASP A 99 17.05 25.25 -17.15
CA ASP A 99 16.84 25.85 -18.42
C ASP A 99 17.38 27.24 -18.17
N GLY A 100 17.54 27.99 -19.22
CA GLY A 100 17.95 29.37 -19.12
C GLY A 100 16.67 30.09 -18.76
N ARG A 101 16.76 30.53 -17.52
CA ARG A 101 15.75 31.13 -16.64
C ARG A 101 16.37 30.85 -15.27
N GLY A 102 17.07 29.72 -15.20
CA GLY A 102 17.80 29.27 -14.04
C GLY A 102 17.04 28.25 -13.20
N ILE A 103 15.97 27.75 -13.78
CA ILE A 103 15.12 26.85 -13.06
C ILE A 103 15.45 25.49 -13.59
N TYR A 104 15.53 24.71 -12.55
CA TYR A 104 15.73 23.29 -12.70
C TYR A 104 14.44 22.75 -13.27
N CYS A 105 14.28 22.76 -14.58
CA CYS A 105 13.06 22.21 -15.12
C CYS A 105 13.35 21.38 -16.36
N ILE A 106 14.59 20.89 -16.50
CA ILE A 106 14.96 20.01 -17.61
C ILE A 106 15.46 18.67 -17.13
N PHE A 107 14.67 17.74 -17.62
CA PHE A 107 14.77 16.40 -17.17
C PHE A 107 15.72 15.51 -17.98
N GLU A 108 16.03 14.37 -17.37
CA GLU A 108 16.86 13.39 -18.00
C GLU A 108 16.33 12.03 -17.65
N GLY A 109 15.79 11.25 -18.59
CA GLY A 109 15.34 9.91 -18.27
C GLY A 109 16.42 8.96 -17.81
N GLY A 110 17.73 9.25 -17.88
CA GLY A 110 18.79 8.29 -17.58
C GLY A 110 19.53 7.68 -18.80
N THR A 111 19.05 7.81 -20.05
CA THR A 111 19.64 7.20 -21.24
C THR A 111 20.21 8.19 -22.24
N PRO A 112 21.10 7.84 -23.19
CA PRO A 112 21.71 8.75 -24.15
C PRO A 112 20.67 9.39 -25.03
N ASP A 113 19.61 8.64 -25.31
CA ASP A 113 18.51 9.12 -26.09
C ASP A 113 17.58 10.07 -25.34
N ALA A 114 16.44 10.38 -25.99
CA ALA A 114 15.52 11.38 -25.52
C ALA A 114 14.42 10.91 -24.60
N ARG A 115 14.28 9.62 -24.37
CA ARG A 115 13.24 9.10 -23.52
C ARG A 115 13.40 9.71 -22.16
N LEU A 116 12.28 10.40 -21.94
CA LEU A 116 11.94 11.08 -20.71
C LEU A 116 12.67 12.36 -20.53
N ASP A 117 13.50 12.81 -21.47
CA ASP A 117 14.14 14.09 -21.35
C ASP A 117 13.16 15.23 -21.64
N TRP A 118 12.15 15.45 -20.80
CA TRP A 118 11.21 16.54 -20.99
C TRP A 118 11.79 17.85 -20.43
N GLY A 119 11.04 18.91 -20.72
CA GLY A 119 11.37 20.25 -20.21
C GLY A 119 10.14 20.91 -19.61
N PRO A 120 10.16 22.20 -19.28
CA PRO A 120 9.10 22.88 -18.53
C PRO A 120 7.69 22.78 -19.09
N HIS A 121 7.58 22.54 -20.38
CA HIS A 121 6.32 22.35 -21.02
C HIS A 121 5.58 21.12 -20.44
N MET A 122 6.30 20.08 -19.99
CA MET A 122 5.59 18.95 -19.45
C MET A 122 5.24 19.19 -17.99
N ILE A 123 5.54 20.36 -17.43
CA ILE A 123 5.20 20.59 -16.06
C ILE A 123 3.83 21.29 -16.08
N CYS A 124 2.95 20.93 -15.14
CA CYS A 124 1.62 21.48 -15.01
C CYS A 124 1.57 22.99 -14.99
N ARG A 125 0.81 23.59 -15.92
CA ARG A 125 0.62 25.04 -16.11
C ARG A 125 0.95 25.97 -14.97
N ASP A 126 0.36 25.67 -13.82
CA ASP A 126 0.51 26.53 -12.69
C ASP A 126 1.54 26.10 -11.68
N ASP A 127 2.43 25.14 -11.86
CA ASP A 127 3.32 24.78 -10.78
C ASP A 127 4.55 25.67 -10.84
N ARG A 128 4.37 26.91 -10.42
CA ARG A 128 5.48 27.82 -10.36
C ARG A 128 6.39 27.49 -9.19
N PRO A 129 7.71 27.67 -9.27
CA PRO A 129 8.42 28.32 -10.34
C PRO A 129 8.85 27.45 -11.53
N TYR A 130 8.51 26.15 -11.50
CA TYR A 130 9.13 25.23 -12.43
C TYR A 130 8.53 25.37 -13.78
N ALA A 131 7.21 25.42 -13.71
CA ALA A 131 6.36 25.38 -14.87
C ALA A 131 6.47 26.61 -15.69
N ASP A 132 6.47 26.53 -17.01
CA ASP A 132 6.56 27.76 -17.81
C ASP A 132 5.18 28.21 -18.28
N GLY A 133 4.06 27.99 -17.63
CA GLY A 133 2.75 28.37 -18.15
C GLY A 133 2.26 27.60 -19.39
N THR A 134 3.06 26.91 -20.19
CA THR A 134 2.51 26.28 -21.37
C THR A 134 1.95 24.90 -21.17
N GLY A 135 2.03 24.28 -20.01
CA GLY A 135 1.49 22.94 -19.97
C GLY A 135 0.06 23.01 -19.52
N ASN A 136 -0.57 21.84 -19.43
CA ASN A 136 -1.93 21.71 -18.91
C ASN A 136 -1.94 21.97 -17.43
N PRO A 137 -3.03 22.41 -16.82
CA PRO A 137 -3.12 22.48 -15.36
C PRO A 137 -3.12 21.08 -14.74
N ASP A 138 -2.79 21.02 -13.47
CA ASP A 138 -2.59 19.77 -12.82
C ASP A 138 -3.93 19.08 -12.74
N THR A 139 -3.97 17.81 -13.13
CA THR A 139 -5.18 16.98 -13.01
C THR A 139 -5.54 16.57 -11.59
N GLY A 140 -4.80 16.98 -10.56
CA GLY A 140 -4.99 16.47 -9.23
C GLY A 140 -4.14 17.33 -8.35
N ALA A 141 -3.77 16.79 -7.19
CA ALA A 141 -2.99 17.54 -6.24
C ALA A 141 -1.54 17.84 -6.66
N ASP A 142 -0.97 18.74 -5.88
CA ASP A 142 0.39 19.24 -6.05
C ASP A 142 1.16 18.70 -4.88
N PHE A 143 2.41 18.58 -5.27
CA PHE A 143 3.43 18.18 -4.32
C PHE A 143 4.31 19.44 -4.32
N GLY A 144 4.46 20.06 -3.14
CA GLY A 144 5.19 21.30 -2.93
C GLY A 144 6.57 21.26 -3.55
N ALA A 145 7.43 20.55 -2.83
CA ALA A 145 8.83 20.35 -3.15
C ALA A 145 9.30 20.03 -4.57
N ALA A 146 8.49 19.50 -5.52
CA ALA A 146 8.96 19.20 -6.89
C ALA A 146 8.03 19.62 -8.07
N PRO A 147 8.54 19.59 -9.31
CA PRO A 147 7.77 19.68 -10.54
C PRO A 147 6.61 18.71 -10.64
N ASP A 148 5.45 19.16 -11.08
CA ASP A 148 4.40 18.18 -11.18
C ASP A 148 4.34 17.90 -12.65
N ILE A 149 4.15 16.63 -12.98
CA ILE A 149 4.05 16.20 -14.35
C ILE A 149 2.60 16.36 -14.83
N ASP A 150 2.51 16.89 -16.06
CA ASP A 150 1.26 17.19 -16.74
C ASP A 150 0.89 15.91 -17.43
N HIS A 151 0.03 15.10 -16.82
CA HIS A 151 -0.25 13.81 -17.42
C HIS A 151 -1.24 13.93 -18.50
N LEU A 152 -1.65 15.11 -18.90
CA LEU A 152 -2.52 15.23 -20.04
C LEU A 152 -1.71 15.36 -21.31
N ASN A 153 -0.42 15.60 -21.17
CA ASN A 153 0.46 15.70 -22.33
C ASN A 153 0.62 14.32 -23.02
N LEU A 154 0.58 14.18 -24.33
CA LEU A 154 0.73 12.86 -24.93
C LEU A 154 2.13 12.33 -24.92
N ARG A 155 3.18 13.16 -25.03
CA ARG A 155 4.51 12.55 -25.01
C ARG A 155 4.80 11.99 -23.61
N VAL A 156 4.35 12.68 -22.56
CA VAL A 156 4.49 12.25 -21.18
C VAL A 156 3.79 10.92 -21.08
N GLN A 157 2.53 10.85 -21.57
CA GLN A 157 1.80 9.58 -21.56
C GLN A 157 2.48 8.45 -22.28
N LYS A 158 3.10 8.65 -23.46
CA LYS A 158 3.72 7.55 -24.18
C LYS A 158 5.02 7.17 -23.53
N GLU A 159 5.92 8.08 -23.22
CA GLU A 159 7.20 7.66 -22.68
C GLU A 159 7.11 7.13 -21.26
N LEU A 160 6.07 7.50 -20.51
CA LEU A 160 5.90 7.02 -19.16
C LEU A 160 5.31 5.62 -19.26
N VAL A 161 4.34 5.37 -20.14
CA VAL A 161 3.89 4.00 -20.38
C VAL A 161 5.08 3.17 -20.92
N GLU A 162 6.02 3.74 -21.69
CA GLU A 162 7.18 3.01 -22.14
C GLU A 162 7.96 2.55 -20.93
N TRP A 163 8.29 3.47 -20.00
CA TRP A 163 9.10 3.17 -18.83
C TRP A 163 8.42 2.07 -18.06
N LEU A 164 7.10 2.14 -17.86
CA LEU A 164 6.35 1.10 -17.16
C LEU A 164 6.52 -0.25 -17.81
N ASN A 165 6.23 -0.36 -19.11
CA ASN A 165 6.39 -1.63 -19.81
C ASN A 165 7.84 -2.06 -19.74
N TRP A 166 8.84 -1.18 -19.74
CA TRP A 166 10.24 -1.59 -19.59
C TRP A 166 10.48 -2.21 -18.25
N LEU A 167 9.99 -1.62 -17.17
CA LEU A 167 10.05 -2.20 -15.84
C LEU A 167 9.39 -3.57 -15.82
N LYS A 168 8.27 -3.88 -16.47
CA LYS A 168 7.74 -5.26 -16.45
C LYS A 168 8.66 -6.14 -17.27
N ALA A 169 9.04 -5.71 -18.46
CA ALA A 169 9.88 -6.44 -19.38
C ALA A 169 11.34 -6.65 -19.01
N ASP A 170 12.20 -5.64 -19.05
CA ASP A 170 13.58 -5.84 -18.69
C ASP A 170 13.65 -6.17 -17.22
N ILE A 171 13.09 -5.37 -16.32
CA ILE A 171 13.30 -5.65 -14.89
C ILE A 171 12.38 -6.76 -14.38
N GLY A 172 11.13 -6.90 -14.76
CA GLY A 172 10.35 -8.02 -14.28
C GLY A 172 9.32 -7.69 -13.21
N PHE A 173 8.97 -6.42 -13.08
CA PHE A 173 7.99 -6.11 -12.08
C PHE A 173 6.61 -6.63 -12.53
N ASP A 174 5.77 -7.02 -11.57
CA ASP A 174 4.48 -7.59 -11.91
C ASP A 174 3.38 -6.59 -11.78
N GLY A 175 3.48 -5.61 -10.88
CA GLY A 175 2.36 -4.74 -10.71
C GLY A 175 2.77 -3.42 -10.14
N TRP A 176 1.85 -2.52 -9.83
CA TRP A 176 2.23 -1.19 -9.45
C TRP A 176 1.64 -0.78 -8.12
N ARG A 177 2.31 0.15 -7.45
CA ARG A 177 1.86 0.76 -6.24
C ARG A 177 1.88 2.21 -6.71
N PHE A 178 0.80 2.96 -6.79
CA PHE A 178 0.87 4.33 -7.31
C PHE A 178 1.03 5.30 -6.17
N ASP A 179 2.22 5.79 -5.97
CA ASP A 179 2.44 6.75 -4.91
C ASP A 179 1.70 8.03 -5.27
N PHE A 180 1.06 8.54 -4.23
CA PHE A 180 0.36 9.81 -4.24
C PHE A 180 -0.55 9.85 -5.40
N ALA A 181 -1.41 8.85 -5.42
CA ALA A 181 -2.34 8.78 -6.52
C ALA A 181 -3.35 9.94 -6.46
N LYS A 182 -3.41 10.77 -5.40
CA LYS A 182 -4.18 12.01 -5.36
C LYS A 182 -3.49 13.08 -6.22
N GLY A 183 -2.24 12.90 -6.57
CA GLY A 183 -1.51 13.89 -7.32
C GLY A 183 -2.03 14.12 -8.71
N TYR A 184 -2.81 13.18 -9.26
CA TYR A 184 -3.25 13.21 -10.64
C TYR A 184 -4.58 12.49 -10.69
N SER A 185 -5.37 12.62 -11.76
CA SER A 185 -6.72 12.06 -11.82
C SER A 185 -6.84 10.57 -12.10
N ALA A 186 -8.00 10.01 -11.71
CA ALA A 186 -8.25 8.59 -11.92
C ALA A 186 -8.21 8.19 -13.38
N ASP A 187 -8.51 9.16 -14.24
CA ASP A 187 -8.51 8.97 -15.66
C ASP A 187 -7.11 8.83 -16.19
N VAL A 188 -6.22 9.60 -15.59
CA VAL A 188 -4.82 9.54 -15.96
C VAL A 188 -4.31 8.20 -15.53
N ALA A 189 -4.61 7.80 -14.32
CA ALA A 189 -4.12 6.54 -13.81
C ALA A 189 -4.55 5.34 -14.63
N LYS A 190 -5.79 5.40 -15.09
CA LYS A 190 -6.37 4.37 -15.90
C LYS A 190 -5.56 4.24 -17.16
N ILE A 191 -5.14 5.33 -17.80
CA ILE A 191 -4.31 5.15 -18.98
C ILE A 191 -3.07 4.33 -18.62
N TYR A 192 -2.44 4.52 -17.45
CA TYR A 192 -1.24 3.80 -17.14
C TYR A 192 -1.52 2.40 -16.71
N ILE A 193 -2.63 2.15 -16.04
CA ILE A 193 -2.96 0.79 -15.61
C ILE A 193 -3.22 -0.09 -16.85
N ASP A 194 -4.15 0.47 -17.64
CA ASP A 194 -4.65 -0.13 -18.87
C ASP A 194 -3.61 -0.39 -19.88
N ARG A 195 -2.72 0.54 -20.12
CA ARG A 195 -1.74 0.27 -21.11
C ARG A 195 -0.51 -0.47 -20.63
N SER A 196 -0.23 -0.61 -19.33
CA SER A 196 0.93 -1.44 -19.00
C SER A 196 0.39 -2.76 -18.53
N GLU A 197 -0.91 -2.90 -18.34
CA GLU A 197 -1.58 -4.09 -17.83
C GLU A 197 -0.85 -5.01 -16.85
N PRO A 198 -0.78 -4.56 -15.59
CA PRO A 198 -0.14 -5.25 -14.50
C PRO A 198 -1.02 -6.34 -13.89
N SER A 199 -0.45 -7.31 -13.19
CA SER A 199 -1.31 -8.30 -12.59
C SER A 199 -1.88 -7.78 -11.30
N PHE A 200 -1.48 -6.61 -10.82
CA PHE A 200 -1.97 -6.08 -9.56
C PHE A 200 -1.59 -4.62 -9.63
N ALA A 201 -2.41 -3.72 -9.11
CA ALA A 201 -2.04 -2.32 -9.02
C ALA A 201 -2.78 -1.80 -7.81
N VAL A 202 -2.10 -1.22 -6.82
CA VAL A 202 -2.77 -0.66 -5.67
C VAL A 202 -2.42 0.80 -5.68
N ALA A 203 -3.35 1.73 -5.46
CA ALA A 203 -3.00 3.14 -5.43
C ALA A 203 -3.05 3.64 -4.03
N GLU A 204 -2.28 4.67 -3.72
CA GLU A 204 -2.30 5.32 -2.43
C GLU A 204 -3.06 6.63 -2.43
N ILE A 205 -4.31 6.64 -1.99
CA ILE A 205 -5.15 7.82 -1.85
C ILE A 205 -5.16 7.98 -0.36
N TRP A 206 -4.54 8.98 0.24
CA TRP A 206 -4.51 9.10 1.70
C TRP A 206 -5.10 10.43 2.07
N THR A 207 -6.30 10.48 2.66
CA THR A 207 -6.82 11.75 3.19
C THR A 207 -7.32 11.64 4.64
N SER A 208 -7.65 12.72 5.34
CA SER A 208 -7.95 12.65 6.76
C SER A 208 -9.31 12.09 7.05
N LEU A 209 -9.41 11.43 8.19
CA LEU A 209 -10.69 10.97 8.65
C LEU A 209 -11.44 12.20 9.17
N ALA A 210 -12.73 12.13 9.45
CA ALA A 210 -13.44 13.27 9.97
C ALA A 210 -13.41 13.18 11.46
N TYR A 211 -13.26 14.28 12.18
CA TYR A 211 -13.13 14.32 13.64
C TYR A 211 -14.28 15.09 14.26
N GLY A 212 -14.93 14.50 15.27
CA GLY A 212 -16.01 15.17 15.95
C GLY A 212 -15.50 15.98 17.13
N GLY A 213 -16.49 16.46 17.91
CA GLY A 213 -16.26 17.29 19.11
C GLY A 213 -15.73 16.47 20.30
N ASP A 214 -14.47 16.07 20.16
CA ASP A 214 -13.73 15.23 21.10
C ASP A 214 -12.31 15.04 20.61
N GLY A 215 -11.95 15.33 19.35
CA GLY A 215 -10.59 15.11 18.88
C GLY A 215 -10.39 13.67 18.44
N LYS A 216 -11.48 12.92 18.30
CA LYS A 216 -11.42 11.53 17.95
C LYS A 216 -12.22 11.31 16.68
N PRO A 217 -11.91 10.35 15.81
CA PRO A 217 -12.57 10.18 14.54
C PRO A 217 -14.02 9.88 14.76
N ASN A 218 -14.85 10.23 13.82
CA ASN A 218 -16.22 9.83 13.94
C ASN A 218 -16.30 8.33 13.69
N LEU A 219 -17.46 7.75 13.91
CA LEU A 219 -17.67 6.35 13.68
C LEU A 219 -18.04 6.28 12.21
N ASN A 220 -18.70 7.33 11.73
CA ASN A 220 -19.11 7.30 10.36
C ASN A 220 -18.04 7.99 9.55
N GLN A 221 -17.34 7.19 8.76
CA GLN A 221 -16.29 7.68 7.91
C GLN A 221 -16.66 7.37 6.47
N ASP A 222 -17.94 7.51 6.14
CA ASP A 222 -18.39 7.18 4.81
C ASP A 222 -17.95 8.15 3.75
N GLN A 223 -17.72 9.42 4.06
CA GLN A 223 -17.19 10.39 3.10
C GLN A 223 -15.79 9.97 2.70
N HIS A 224 -15.04 9.49 3.70
CA HIS A 224 -13.68 9.00 3.49
C HIS A 224 -13.62 7.70 2.73
N ARG A 225 -14.31 6.60 3.03
CA ARG A 225 -14.15 5.45 2.16
C ARG A 225 -14.76 5.72 0.81
N GLN A 226 -15.80 6.55 0.63
CA GLN A 226 -16.41 6.83 -0.68
C GLN A 226 -15.38 7.22 -1.72
N GLU A 227 -14.44 8.07 -1.30
CA GLU A 227 -13.35 8.56 -2.11
C GLU A 227 -12.50 7.44 -2.67
N LEU A 228 -12.26 6.39 -1.87
CA LEU A 228 -11.50 5.22 -2.31
C LEU A 228 -12.34 4.42 -3.33
N VAL A 229 -13.63 4.29 -3.03
CA VAL A 229 -14.56 3.51 -3.82
C VAL A 229 -14.71 4.20 -5.16
N ASN A 230 -14.73 5.53 -5.22
CA ASN A 230 -14.85 6.22 -6.51
C ASN A 230 -13.62 6.16 -7.37
N TRP A 231 -12.40 6.08 -6.80
CA TRP A 231 -11.19 5.98 -7.59
C TRP A 231 -11.23 4.64 -8.28
N VAL A 232 -11.47 3.55 -7.56
CA VAL A 232 -11.48 2.23 -8.18
C VAL A 232 -12.54 2.17 -9.25
N ASP A 233 -13.64 2.81 -8.98
CA ASP A 233 -14.71 2.81 -9.93
C ASP A 233 -14.39 3.51 -11.22
N LYS A 234 -13.87 4.72 -11.16
CA LYS A 234 -13.60 5.51 -12.34
C LYS A 234 -12.43 4.94 -13.12
N VAL A 235 -11.53 4.31 -12.38
CA VAL A 235 -10.39 3.70 -12.96
C VAL A 235 -10.75 2.38 -13.62
N GLY A 236 -11.69 1.61 -13.08
CA GLY A 236 -12.01 0.34 -13.67
C GLY A 236 -12.20 -0.72 -12.62
N GLY A 237 -13.47 -0.93 -12.30
CA GLY A 237 -13.90 -1.94 -11.35
C GLY A 237 -13.48 -3.33 -11.77
N LYS A 238 -13.28 -3.52 -13.08
CA LYS A 238 -12.87 -4.83 -13.57
C LYS A 238 -11.37 -4.93 -13.79
N GLY A 239 -10.64 -3.83 -13.58
CA GLY A 239 -9.21 -3.82 -13.79
C GLY A 239 -8.53 -4.45 -12.57
N PRO A 240 -7.19 -4.52 -12.52
CA PRO A 240 -6.48 -4.91 -11.32
C PRO A 240 -6.38 -3.75 -10.30
N ALA A 241 -6.93 -2.56 -10.54
CA ALA A 241 -6.68 -1.46 -9.64
C ALA A 241 -7.43 -1.66 -8.33
N THR A 242 -6.78 -1.36 -7.22
CA THR A 242 -7.29 -1.45 -5.87
C THR A 242 -6.71 -0.24 -5.15
N THR A 243 -7.08 0.04 -3.90
CA THR A 243 -6.50 1.17 -3.18
C THR A 243 -6.25 0.76 -1.75
N PHE A 244 -5.24 1.34 -1.10
CA PHE A 244 -5.03 1.02 0.29
C PHE A 244 -6.21 1.58 1.08
N ASP A 245 -6.75 0.74 1.98
CA ASP A 245 -7.89 1.07 2.79
C ASP A 245 -7.40 1.81 3.99
N PHE A 246 -7.27 3.11 3.82
CA PHE A 246 -6.83 3.99 4.91
C PHE A 246 -7.92 4.22 5.92
N THR A 247 -9.19 3.96 5.56
CA THR A 247 -10.29 4.09 6.51
C THR A 247 -10.22 3.00 7.59
N THR A 248 -10.01 1.74 7.29
CA THR A 248 -9.85 0.73 8.32
C THR A 248 -8.57 1.05 9.11
N LYS A 249 -7.41 1.37 8.52
CA LYS A 249 -6.21 1.75 9.24
C LYS A 249 -6.57 2.86 10.20
N GLY A 250 -7.31 3.89 9.83
CA GLY A 250 -7.60 4.96 10.78
C GLY A 250 -8.48 4.63 11.98
N ILE A 251 -9.61 4.01 11.69
CA ILE A 251 -10.58 3.52 12.67
C ILE A 251 -9.86 2.56 13.63
N LEU A 252 -9.15 1.61 13.06
CA LEU A 252 -8.52 0.55 13.81
C LEU A 252 -7.49 1.11 14.79
N ASN A 253 -6.77 2.13 14.34
CA ASN A 253 -5.77 2.79 15.19
C ASN A 253 -6.32 3.17 16.55
N VAL A 254 -7.61 3.53 16.53
CA VAL A 254 -8.25 4.05 17.70
C VAL A 254 -9.05 2.98 18.37
N ALA A 255 -9.71 2.22 17.52
CA ALA A 255 -10.59 1.14 17.92
C ALA A 255 -9.89 0.22 18.88
N VAL A 256 -8.65 -0.09 18.54
CA VAL A 256 -7.88 -1.02 19.30
C VAL A 256 -7.60 -0.49 20.70
N GLU A 257 -7.58 0.81 20.96
CA GLU A 257 -7.34 1.31 22.30
C GLU A 257 -8.69 1.36 23.03
N GLY A 258 -9.31 0.19 23.19
CA GLY A 258 -10.51 0.07 24.02
C GLY A 258 -11.79 0.70 23.49
N GLU A 259 -11.89 0.80 22.19
CA GLU A 259 -13.02 1.36 21.53
C GLU A 259 -13.42 0.44 20.42
N LEU A 260 -13.29 -0.89 20.59
CA LEU A 260 -13.62 -1.85 19.57
C LEU A 260 -15.09 -1.71 19.13
N TRP A 261 -15.99 -0.94 19.79
CA TRP A 261 -17.37 -0.72 19.24
C TRP A 261 -17.33 0.03 17.92
N ARG A 262 -16.26 0.77 17.66
CA ARG A 262 -16.01 1.51 16.43
C ARG A 262 -15.93 0.56 15.26
N LEU A 263 -15.74 -0.75 15.51
CA LEU A 263 -15.53 -1.62 14.39
C LEU A 263 -16.75 -2.13 13.69
N ARG A 264 -17.95 -1.69 14.05
CA ARG A 264 -19.21 -2.00 13.36
C ARG A 264 -19.73 -0.60 13.17
N GLY A 265 -19.89 -0.22 11.91
CA GLY A 265 -20.30 1.14 11.63
C GLY A 265 -21.80 1.31 11.70
N THR A 266 -22.17 2.49 11.25
CA THR A 266 -23.53 2.98 11.12
C THR A 266 -24.45 1.95 10.48
N ASP A 267 -23.94 1.08 9.60
CA ASP A 267 -24.75 0.08 8.96
C ASP A 267 -24.69 -1.33 9.52
N GLY A 268 -24.03 -1.56 10.65
CA GLY A 268 -23.86 -2.93 11.14
C GLY A 268 -22.83 -3.74 10.34
N LYS A 269 -22.09 -3.05 9.46
CA LYS A 269 -21.06 -3.65 8.61
C LYS A 269 -19.79 -2.89 8.95
N ALA A 270 -18.66 -3.45 8.56
CA ALA A 270 -17.35 -2.89 8.88
C ALA A 270 -17.27 -1.49 8.32
N PRO A 271 -16.67 -0.57 9.04
CA PRO A 271 -16.66 0.81 8.68
C PRO A 271 -15.67 1.15 7.58
N GLY A 272 -14.75 0.24 7.20
CA GLY A 272 -13.71 0.58 6.27
C GLY A 272 -14.14 0.46 4.83
N MET A 273 -13.20 0.54 3.90
CA MET A 273 -13.54 0.37 2.52
C MET A 273 -13.93 -1.09 2.39
N ILE A 274 -13.31 -2.02 3.12
CA ILE A 274 -13.65 -3.44 3.08
C ILE A 274 -15.12 -3.71 3.42
N GLY A 275 -15.89 -2.76 3.95
CA GLY A 275 -17.27 -3.01 4.24
C GLY A 275 -18.13 -2.60 3.06
N TRP A 276 -17.55 -1.88 2.10
CA TRP A 276 -18.28 -1.50 0.91
C TRP A 276 -17.64 -2.18 -0.28
N TRP A 277 -16.35 -2.46 -0.39
CA TRP A 277 -15.83 -3.08 -1.60
C TRP A 277 -14.57 -3.84 -1.25
N PRO A 278 -14.65 -4.87 -0.37
CA PRO A 278 -13.50 -5.57 0.22
C PRO A 278 -12.59 -6.04 -0.89
N ALA A 279 -13.17 -6.50 -1.99
CA ALA A 279 -12.43 -6.91 -3.17
C ALA A 279 -11.36 -5.93 -3.59
N LYS A 280 -11.67 -4.62 -3.68
CA LYS A 280 -10.70 -3.62 -4.15
C LYS A 280 -9.96 -2.92 -3.03
N ALA A 281 -10.03 -3.46 -1.82
CA ALA A 281 -9.43 -2.80 -0.69
C ALA A 281 -8.20 -3.50 -0.20
N VAL A 282 -6.98 -2.95 -0.07
CA VAL A 282 -5.93 -3.77 0.56
C VAL A 282 -5.64 -3.08 1.88
N THR A 283 -5.68 -3.89 2.95
CA THR A 283 -5.58 -3.44 4.33
C THR A 283 -4.17 -3.52 4.87
N PHE A 284 -3.86 -2.67 5.83
CA PHE A 284 -2.55 -2.66 6.45
C PHE A 284 -2.74 -2.16 7.85
N VAL A 285 -1.76 -2.47 8.71
CA VAL A 285 -1.68 -2.04 10.10
C VAL A 285 -0.79 -0.80 10.07
N ASP A 286 0.31 -0.76 9.31
CA ASP A 286 1.15 0.42 9.16
C ASP A 286 1.98 0.25 7.91
N ASN A 287 2.57 1.35 7.44
CA ASN A 287 3.42 1.31 6.27
C ASN A 287 4.59 2.24 6.60
N HIS A 288 5.50 2.49 5.66
CA HIS A 288 6.70 3.30 5.89
C HIS A 288 6.47 4.75 6.30
N ASP A 289 5.27 5.26 6.08
CA ASP A 289 4.93 6.62 6.44
C ASP A 289 4.22 6.67 7.80
N THR A 290 3.12 5.93 7.96
CA THR A 290 2.32 5.98 9.15
C THR A 290 3.20 5.50 10.28
N GLY A 291 4.01 4.48 10.05
CA GLY A 291 4.88 3.95 11.07
C GLY A 291 6.32 4.10 10.64
N SER A 292 7.12 3.07 10.92
CA SER A 292 8.55 3.11 10.65
C SER A 292 9.10 4.27 11.44
N THR A 293 10.12 5.00 10.98
CA THR A 293 10.64 6.14 11.70
C THR A 293 9.89 7.42 11.32
N GLN A 294 8.89 7.39 10.43
CA GLN A 294 8.16 8.61 10.18
C GLN A 294 7.10 8.76 11.23
N HIS A 295 6.40 7.71 11.66
CA HIS A 295 5.45 7.86 12.74
C HIS A 295 4.37 8.86 12.42
N MET A 296 4.02 8.95 11.14
CA MET A 296 3.02 9.86 10.67
C MET A 296 1.62 9.58 11.22
N TRP A 297 1.31 8.31 11.53
CA TRP A 297 -0.02 7.85 11.94
C TRP A 297 0.21 6.45 12.48
N PRO A 298 0.88 6.24 13.60
CA PRO A 298 1.28 4.91 14.06
C PRO A 298 0.15 4.04 14.55
N PHE A 299 0.24 2.73 14.45
CA PHE A 299 -0.71 1.86 15.14
C PHE A 299 -0.11 1.78 16.56
N PRO A 300 -0.89 1.87 17.64
CA PRO A 300 -0.52 1.51 19.00
C PRO A 300 0.39 0.28 18.99
N SER A 301 1.65 0.39 19.34
CA SER A 301 2.61 -0.69 19.22
C SER A 301 2.32 -1.95 19.99
N ASP A 302 1.75 -1.72 21.15
CA ASP A 302 1.47 -2.81 22.04
C ASP A 302 0.25 -3.56 21.61
N ARG A 303 -0.34 -3.10 20.50
CA ARG A 303 -1.53 -3.67 19.95
C ARG A 303 -1.40 -4.03 18.49
N VAL A 304 -0.20 -4.02 17.88
CA VAL A 304 -0.20 -4.26 16.45
C VAL A 304 -0.63 -5.65 16.14
N MET A 305 -0.62 -6.51 17.14
CA MET A 305 -1.10 -7.85 16.90
C MET A 305 -2.60 -7.99 16.78
N GLN A 306 -3.39 -7.08 17.35
CA GLN A 306 -4.84 -7.19 17.20
C GLN A 306 -5.13 -6.65 15.79
N GLY A 307 -4.25 -5.76 15.33
CA GLY A 307 -4.35 -5.20 14.01
C GLY A 307 -4.30 -6.30 12.99
N TYR A 308 -3.22 -7.07 13.12
CA TYR A 308 -3.01 -8.22 12.26
C TYR A 308 -4.06 -9.28 12.43
N ALA A 309 -4.41 -9.67 13.68
CA ALA A 309 -5.55 -10.55 13.90
C ALA A 309 -6.80 -10.11 13.10
N TYR A 310 -7.13 -8.81 13.10
CA TYR A 310 -8.22 -8.29 12.29
C TYR A 310 -7.90 -8.32 10.78
N ILE A 311 -6.83 -7.71 10.25
CA ILE A 311 -6.72 -7.68 8.79
C ILE A 311 -6.41 -9.05 8.21
N LEU A 312 -5.71 -9.96 8.89
CA LEU A 312 -5.49 -11.29 8.33
C LEU A 312 -6.73 -12.18 8.30
N THR A 313 -7.74 -12.03 9.17
CA THR A 313 -8.92 -12.89 9.12
C THR A 313 -10.04 -12.28 8.30
N HIS A 314 -10.03 -10.98 8.21
CA HIS A 314 -11.09 -10.27 7.53
C HIS A 314 -10.93 -10.19 6.02
N PRO A 315 -11.98 -9.88 5.26
CA PRO A 315 -11.90 -9.61 3.83
C PRO A 315 -10.96 -8.48 3.42
N GLY A 316 -10.86 -8.14 2.15
CA GLY A 316 -9.87 -7.21 1.66
C GLY A 316 -8.55 -7.97 1.46
N THR A 317 -7.54 -7.35 0.85
CA THR A 317 -6.26 -8.01 0.68
C THR A 317 -5.22 -7.54 1.71
N PRO A 318 -4.75 -8.35 2.64
CA PRO A 318 -3.90 -7.91 3.73
C PRO A 318 -2.49 -7.60 3.24
N CYS A 319 -1.87 -6.63 3.91
CA CYS A 319 -0.50 -6.26 3.58
C CYS A 319 0.39 -6.29 4.82
N ILE A 320 1.38 -7.18 4.96
CA ILE A 320 2.20 -7.26 6.15
C ILE A 320 3.35 -6.27 5.94
N PHE A 321 3.95 -5.72 6.98
CA PHE A 321 4.92 -4.68 6.87
C PHE A 321 6.22 -5.23 7.39
N TYR A 322 7.32 -5.11 6.60
CA TYR A 322 8.63 -5.64 6.88
C TYR A 322 8.83 -5.72 8.35
N ASP A 323 8.93 -4.57 9.00
CA ASP A 323 9.16 -4.45 10.43
C ASP A 323 8.46 -5.37 11.40
N HIS A 324 7.15 -5.41 11.35
CA HIS A 324 6.36 -6.20 12.24
C HIS A 324 6.76 -7.66 12.18
N PHE A 325 6.88 -8.12 10.94
CA PHE A 325 7.15 -9.50 10.64
C PHE A 325 8.59 -9.74 10.97
N PHE A 326 9.56 -9.16 10.27
CA PHE A 326 10.95 -9.49 10.52
C PHE A 326 11.57 -8.90 11.76
N ASP A 327 11.27 -7.68 12.17
CA ASP A 327 11.96 -7.05 13.26
C ASP A 327 11.23 -6.93 14.58
N TRP A 328 9.95 -7.23 14.67
CA TRP A 328 9.30 -7.03 15.96
C TRP A 328 9.10 -8.28 16.74
N GLY A 329 9.50 -9.39 16.14
CA GLY A 329 9.42 -10.67 16.82
C GLY A 329 8.02 -11.22 16.76
N LEU A 330 7.28 -10.80 15.75
CA LEU A 330 5.95 -11.29 15.67
C LEU A 330 5.87 -12.27 14.54
N LYS A 331 7.02 -12.67 13.94
CA LYS A 331 7.01 -13.51 12.74
C LYS A 331 6.09 -14.70 12.79
N GLU A 332 6.17 -15.32 13.96
CA GLU A 332 5.47 -16.54 14.19
C GLU A 332 4.00 -16.27 14.31
N GLU A 333 3.47 -15.39 15.17
CA GLU A 333 2.01 -15.26 15.25
C GLU A 333 1.43 -14.77 13.94
N ILE A 334 2.17 -13.92 13.20
CA ILE A 334 1.73 -13.36 11.92
C ILE A 334 1.58 -14.51 10.94
N ASP A 335 2.56 -15.39 11.01
CA ASP A 335 2.58 -16.56 10.17
C ASP A 335 1.35 -17.42 10.36
N ARG A 336 1.10 -17.71 11.64
CA ARG A 336 -0.01 -18.52 12.06
C ARG A 336 -1.33 -17.92 11.59
N LEU A 337 -1.51 -16.62 11.73
CA LEU A 337 -2.71 -16.00 11.23
C LEU A 337 -2.82 -16.18 9.73
N VAL A 338 -1.70 -16.02 9.00
CA VAL A 338 -1.70 -16.15 7.55
C VAL A 338 -2.15 -17.58 7.23
N SER A 339 -1.65 -18.57 7.98
CA SER A 339 -2.06 -19.95 7.80
C SER A 339 -3.55 -20.12 8.07
N VAL A 340 -4.14 -19.79 9.22
CA VAL A 340 -5.58 -19.82 9.39
C VAL A 340 -6.32 -19.24 8.17
N ARG A 341 -5.83 -18.08 7.72
CA ARG A 341 -6.36 -17.42 6.58
C ARG A 341 -6.32 -18.30 5.34
N THR A 342 -5.19 -18.93 5.04
CA THR A 342 -5.13 -19.66 3.78
C THR A 342 -5.77 -21.03 3.84
N ARG A 343 -5.64 -21.66 5.01
CA ARG A 343 -6.25 -22.94 5.32
C ARG A 343 -7.74 -22.93 5.09
N HIS A 344 -8.45 -21.89 5.52
CA HIS A 344 -9.88 -21.87 5.31
C HIS A 344 -10.30 -21.14 4.06
N GLY A 345 -9.39 -20.82 3.15
CA GLY A 345 -9.76 -20.19 1.91
C GLY A 345 -10.41 -18.81 2.01
N ILE A 346 -10.16 -18.12 3.14
CA ILE A 346 -10.64 -16.75 3.39
C ILE A 346 -9.98 -15.95 2.27
N HIS A 347 -10.61 -14.86 1.81
CA HIS A 347 -10.08 -14.16 0.65
C HIS A 347 -10.76 -12.83 0.48
N ASN A 348 -10.22 -11.93 -0.35
CA ASN A 348 -10.90 -10.76 -0.86
C ASN A 348 -12.26 -10.39 -0.40
N GLU A 349 -13.12 -11.32 -0.80
CA GLU A 349 -14.55 -11.22 -0.69
C GLU A 349 -15.20 -12.12 0.32
N SER A 350 -14.48 -12.75 1.27
CA SER A 350 -15.12 -13.52 2.29
C SER A 350 -16.29 -12.75 2.91
N LYS A 351 -17.35 -13.50 3.18
CA LYS A 351 -18.51 -12.91 3.84
C LYS A 351 -18.06 -12.52 5.24
N LEU A 352 -18.36 -11.35 5.79
CA LEU A 352 -18.00 -11.01 7.17
C LEU A 352 -19.30 -10.71 7.90
N GLN A 353 -19.36 -11.22 9.13
CA GLN A 353 -20.51 -11.03 9.97
C GLN A 353 -20.00 -10.61 11.31
N ILE A 354 -20.42 -9.44 11.79
CA ILE A 354 -19.95 -8.92 13.08
C ILE A 354 -20.96 -9.46 14.08
N ILE A 355 -20.52 -10.11 15.13
CA ILE A 355 -21.41 -10.64 16.16
C ILE A 355 -21.52 -9.60 17.28
N GLU A 356 -20.45 -8.98 17.77
CA GLU A 356 -20.47 -8.03 18.86
C GLU A 356 -19.36 -7.01 18.61
N ALA A 357 -19.54 -5.75 18.94
CA ALA A 357 -18.53 -4.75 18.79
C ALA A 357 -18.88 -3.84 19.93
N ASP A 358 -18.34 -4.19 21.06
CA ASP A 358 -18.51 -3.42 22.26
C ASP A 358 -17.14 -2.83 22.53
N ALA A 359 -17.04 -1.84 23.41
CA ALA A 359 -15.77 -1.29 23.83
C ALA A 359 -14.66 -2.32 24.03
N ASP A 360 -14.92 -3.46 24.70
CA ASP A 360 -13.89 -4.43 25.10
C ASP A 360 -13.94 -5.78 24.42
N LEU A 361 -14.66 -5.86 23.29
CA LEU A 361 -14.85 -7.11 22.60
C LEU A 361 -15.34 -6.80 21.20
N TYR A 362 -14.59 -7.18 20.19
CA TYR A 362 -15.10 -7.14 18.83
C TYR A 362 -15.06 -8.63 18.55
N LEU A 363 -16.13 -9.24 18.08
CA LEU A 363 -16.14 -10.69 17.87
C LEU A 363 -16.74 -10.86 16.50
N ALA A 364 -16.15 -11.54 15.51
CA ALA A 364 -16.73 -11.54 14.19
C ALA A 364 -16.49 -12.86 13.56
N GLU A 365 -17.29 -13.17 12.56
CA GLU A 365 -17.22 -14.46 11.92
C GLU A 365 -17.04 -14.26 10.44
N ILE A 366 -16.01 -14.90 9.95
CA ILE A 366 -15.60 -14.81 8.58
C ILE A 366 -15.96 -16.13 7.95
N ASP A 367 -16.66 -15.98 6.83
CA ASP A 367 -17.04 -17.07 5.97
C ASP A 367 -17.60 -18.29 6.67
N GLY A 368 -18.16 -18.17 7.87
CA GLY A 368 -18.67 -19.33 8.61
C GLY A 368 -17.58 -20.27 9.11
N LYS A 369 -16.29 -20.04 8.86
CA LYS A 369 -15.27 -21.01 9.25
C LYS A 369 -14.32 -20.45 10.29
N VAL A 370 -14.23 -19.13 10.48
CA VAL A 370 -13.28 -18.57 11.42
C VAL A 370 -14.00 -17.49 12.17
N ILE A 371 -13.59 -17.33 13.42
CA ILE A 371 -14.15 -16.34 14.31
C ILE A 371 -12.95 -15.70 14.97
N VAL A 372 -12.97 -14.38 14.96
CA VAL A 372 -11.93 -13.56 15.56
C VAL A 372 -12.49 -12.69 16.66
N LYS A 373 -11.77 -12.75 17.75
CA LYS A 373 -12.14 -11.99 18.92
C LYS A 373 -10.93 -11.13 19.19
N LEU A 374 -11.21 -9.84 19.31
CA LEU A 374 -10.21 -8.90 19.70
C LEU A 374 -10.79 -8.36 20.98
N GLY A 375 -9.96 -7.99 21.93
CA GLY A 375 -10.45 -7.38 23.15
C GLY A 375 -9.89 -8.04 24.38
N PRO A 376 -9.97 -7.43 25.57
CA PRO A 376 -9.71 -8.06 26.84
C PRO A 376 -10.89 -8.78 27.46
N ARG A 377 -12.10 -8.71 26.89
CA ARG A 377 -13.23 -9.45 27.40
C ARG A 377 -12.87 -10.91 27.62
N TYR A 378 -12.87 -11.19 28.93
CA TYR A 378 -12.71 -12.52 29.49
C TYR A 378 -13.86 -13.45 29.11
N ASP A 379 -15.09 -13.14 29.54
CA ASP A 379 -16.22 -14.03 29.38
C ASP A 379 -16.81 -14.08 27.99
N VAL A 380 -15.97 -14.35 26.98
CA VAL A 380 -16.41 -14.47 25.60
C VAL A 380 -17.28 -15.73 25.45
N GLY A 381 -16.89 -16.83 26.14
CA GLY A 381 -17.55 -18.13 26.21
C GLY A 381 -18.73 -18.35 25.26
N ASN A 382 -19.93 -18.24 25.84
CA ASN A 382 -21.21 -18.38 25.16
C ASN A 382 -21.45 -17.85 23.75
N LEU A 383 -20.64 -16.91 23.26
CA LEU A 383 -20.80 -16.33 21.95
C LEU A 383 -20.13 -17.13 20.83
N ILE A 384 -19.14 -17.99 21.06
CA ILE A 384 -18.56 -18.74 19.94
C ILE A 384 -19.17 -20.16 19.91
N PRO A 385 -19.69 -20.61 18.77
CA PRO A 385 -20.58 -21.75 18.63
C PRO A 385 -19.91 -23.09 18.76
N GLY A 386 -20.78 -24.11 18.69
CA GLY A 386 -20.34 -25.47 18.81
C GLY A 386 -19.51 -25.88 17.60
N GLY A 387 -18.38 -26.51 17.91
CA GLY A 387 -17.51 -27.08 16.90
C GLY A 387 -16.46 -26.10 16.43
N PHE A 388 -15.80 -25.45 17.39
CA PHE A 388 -14.83 -24.43 17.09
C PHE A 388 -13.67 -24.55 18.04
N LYS A 389 -12.56 -24.94 17.45
CA LYS A 389 -11.33 -25.06 18.21
C LYS A 389 -10.58 -23.76 18.03
N VAL A 390 -9.75 -23.37 18.98
CA VAL A 390 -9.01 -22.15 18.87
C VAL A 390 -7.77 -22.44 18.04
N ALA A 391 -7.54 -21.58 17.03
CA ALA A 391 -6.43 -21.68 16.09
C ALA A 391 -5.20 -20.93 16.54
N ALA A 392 -5.42 -19.71 17.05
CA ALA A 392 -4.36 -18.83 17.50
C ALA A 392 -4.92 -17.95 18.57
N HIS A 393 -4.03 -17.44 19.39
CA HIS A 393 -4.40 -16.50 20.40
C HIS A 393 -3.08 -15.90 20.78
N GLY A 394 -3.21 -14.79 21.44
CA GLY A 394 -2.08 -14.03 21.90
C GLY A 394 -2.63 -12.89 22.71
N ASN A 395 -1.92 -11.79 22.66
CA ASN A 395 -2.24 -10.68 23.55
C ASN A 395 -3.63 -10.08 23.69
N ASP A 396 -4.54 -10.00 22.74
CA ASP A 396 -5.92 -9.57 23.03
C ASP A 396 -6.64 -9.85 21.75
N TYR A 397 -6.43 -11.09 21.37
CA TYR A 397 -7.03 -11.64 20.21
C TYR A 397 -6.97 -13.15 20.40
N ALA A 398 -7.91 -13.81 19.77
CA ALA A 398 -7.93 -15.24 19.68
C ALA A 398 -8.83 -15.46 18.47
N VAL A 399 -8.47 -16.48 17.69
CA VAL A 399 -9.27 -16.84 16.53
C VAL A 399 -9.52 -18.33 16.70
N TRP A 400 -10.75 -18.73 16.37
CA TRP A 400 -11.24 -20.10 16.42
C TRP A 400 -11.50 -20.47 15.00
N GLU A 401 -11.47 -21.74 14.72
CA GLU A 401 -11.74 -22.20 13.41
C GLU A 401 -12.67 -23.36 13.64
N LYS A 402 -13.60 -23.46 12.69
CA LYS A 402 -14.54 -24.55 12.68
C LYS A 402 -13.67 -25.74 12.34
N ILE A 403 -13.72 -26.46 13.49
CA ILE A 403 -13.10 -27.74 13.80
C ILE A 403 -12.42 -28.47 12.66
CA CA B . -0.13 16.58 -9.43
CA CA C . 18.54 11.39 -22.27
CA CA D . 4.89 20.97 -7.35
#